data_6Y4Q
#
_entry.id   6Y4Q
#
_cell.length_a   34.240
_cell.length_b   34.840
_cell.length_c   48.410
_cell.angle_alpha   93.380
_cell.angle_beta   107.380
_cell.angle_gamma   117.450
#
_symmetry.space_group_name_H-M   'P 1'
#
loop_
_entity.id
_entity.type
_entity.pdbx_description
1 polymer 'E3 ubiquitin-protein ligase Mdm2'
2 polymer ACE-LEU-THR-PHE-GLY-GLU-TYR-TRP-ALA-GLN-LEU-ALA-SER
3 non-polymer ~{N}-[(1-ethyl-1,2,3-triazol-4-yl)methyl]-~{N},5-dimethyl-4-[2-[2-methyl-5-[methyl-[(1-propyl-1,2,3-triazol-4-yl)methyl]carbamoyl]thiophen-3-yl]cyclopenten-1-yl]thiophene-2-carboxamide
4 water water
#
loop_
_entity_poly.entity_id
_entity_poly.type
_entity_poly.pdbx_seq_one_letter_code
_entity_poly.pdbx_strand_id
1 'polypeptide(L)'
;SQIPASEQETLVRPKPLLLKLLKSVGAQKDTYTMKEVLFYLGQYIMTKRLYDAAQQHIVYCSNDLLGDLFGVPSFSVKEH
RKIYTMIYRNLV
;
A,B
2 'polypeptide(L)' (ACE)LTFGEYWAQLAS C,D
#
# COMPACT_ATOMS: atom_id res chain seq x y z
N SER A 1 15.34 -4.15 9.43
CA SER A 1 15.23 -4.26 7.97
C SER A 1 15.79 -3.04 7.26
N GLN A 2 16.21 -3.19 6.00
CA GLN A 2 16.78 -2.13 5.16
C GLN A 2 16.26 -2.21 3.71
N ILE A 3 16.26 -1.05 3.06
CA ILE A 3 15.72 -0.82 1.74
C ILE A 3 16.84 -0.63 0.74
N PRO A 4 16.81 -1.30 -0.44
CA PRO A 4 17.85 -1.02 -1.44
C PRO A 4 17.74 0.42 -1.93
N ALA A 5 18.84 1.01 -2.38
CA ALA A 5 18.87 2.40 -2.81
C ALA A 5 17.80 2.77 -3.87
N SER A 6 17.60 1.91 -4.89
CA SER A 6 16.70 2.13 -6.02
C SER A 6 15.24 2.32 -5.65
N GLU A 7 14.81 1.67 -4.55
CA GLU A 7 13.44 1.77 -4.06
C GLU A 7 13.13 3.15 -3.44
N GLN A 8 14.16 3.86 -2.99
CA GLN A 8 14.01 5.17 -2.37
C GLN A 8 13.57 6.20 -3.42
N GLU A 9 13.96 5.95 -4.68
CA GLU A 9 13.69 6.81 -5.84
C GLU A 9 12.32 6.54 -6.50
N THR A 10 11.60 5.51 -6.04
CA THR A 10 10.28 5.17 -6.60
C THR A 10 9.29 6.34 -6.48
N LEU A 11 8.66 6.70 -7.60
CA LEU A 11 7.63 7.74 -7.69
C LEU A 11 6.29 7.21 -7.25
N VAL A 12 5.68 7.87 -6.26
CA VAL A 12 4.42 7.45 -5.67
C VAL A 12 3.44 8.61 -5.62
N ARG A 13 2.17 8.28 -5.51
N ARG A 13 2.17 8.27 -5.53
CA ARG A 13 1.09 9.25 -5.45
CA ARG A 13 1.06 9.23 -5.45
C ARG A 13 0.32 8.98 -4.17
C ARG A 13 0.33 8.96 -4.16
N PRO A 14 0.62 9.72 -3.10
CA PRO A 14 -0.07 9.51 -1.81
C PRO A 14 -1.58 9.70 -1.92
N LYS A 15 -2.34 8.88 -1.18
CA LYS A 15 -3.77 9.07 -1.18
C LYS A 15 -4.11 10.44 -0.52
N PRO A 16 -5.35 10.99 -0.72
CA PRO A 16 -5.70 12.31 -0.12
C PRO A 16 -5.35 12.48 1.35
N LEU A 17 -5.64 11.46 2.19
CA LEU A 17 -5.35 11.54 3.61
C LEU A 17 -3.86 11.65 3.94
N LEU A 18 -2.99 10.94 3.18
CA LEU A 18 -1.57 11.02 3.42
C LEU A 18 -1.07 12.34 2.87
N LEU A 19 -1.63 12.77 1.76
CA LEU A 19 -1.32 14.06 1.12
C LEU A 19 -1.64 15.22 2.10
N LYS A 20 -2.75 15.10 2.85
CA LYS A 20 -3.15 16.09 3.85
C LYS A 20 -2.04 16.24 4.92
N LEU A 21 -1.52 15.10 5.44
N LEU A 21 -1.55 15.10 5.44
N LEU A 21 -1.52 15.11 5.45
CA LEU A 21 -0.45 15.00 6.44
CA LEU A 21 -0.48 15.06 6.43
CA LEU A 21 -0.46 15.13 6.45
C LEU A 21 0.83 15.64 5.92
C LEU A 21 0.74 15.77 5.84
C LEU A 21 0.82 15.72 5.90
N LEU A 22 1.20 15.37 4.64
CA LEU A 22 2.38 15.92 4.00
C LEU A 22 2.23 17.43 3.79
N LYS A 23 1.01 17.88 3.43
CA LYS A 23 0.71 19.28 3.12
C LYS A 23 0.86 20.14 4.36
N SER A 24 0.50 19.56 5.53
CA SER A 24 0.60 20.22 6.82
C SER A 24 2.07 20.61 7.16
N VAL A 25 3.05 19.93 6.59
CA VAL A 25 4.44 20.21 6.80
C VAL A 25 5.11 20.72 5.54
N GLY A 26 4.31 21.33 4.67
CA GLY A 26 4.86 22.06 3.55
C GLY A 26 4.78 21.50 2.16
N ALA A 27 4.58 20.17 2.02
CA ALA A 27 4.51 19.54 0.69
C ALA A 27 3.32 20.13 -0.12
N GLN A 28 3.57 20.53 -1.38
CA GLN A 28 2.49 21.16 -2.16
C GLN A 28 2.09 20.37 -3.43
N LYS A 29 2.80 19.27 -3.73
CA LYS A 29 2.48 18.54 -4.96
C LYS A 29 1.70 17.24 -4.72
N ASP A 30 1.46 16.45 -5.78
CA ASP A 30 0.67 15.21 -5.71
C ASP A 30 1.51 13.97 -5.94
N THR A 31 2.70 14.10 -6.54
CA THR A 31 3.57 12.97 -6.83
C THR A 31 4.94 13.22 -6.23
N TYR A 32 5.50 12.18 -5.59
CA TYR A 32 6.73 12.30 -4.82
C TYR A 32 7.59 11.08 -4.99
N THR A 33 8.88 11.19 -4.67
CA THR A 33 9.72 10.02 -4.59
C THR A 33 9.46 9.51 -3.18
N MET A 34 9.75 8.25 -2.94
CA MET A 34 9.55 7.70 -1.60
C MET A 34 10.43 8.48 -0.59
N LYS A 35 11.64 8.86 -1.01
CA LYS A 35 12.58 9.72 -0.27
C LYS A 35 11.87 10.99 0.19
N GLU A 36 11.16 11.69 -0.70
CA GLU A 36 10.42 12.92 -0.40
C GLU A 36 9.28 12.68 0.55
N VAL A 37 8.54 11.60 0.35
CA VAL A 37 7.47 11.29 1.30
C VAL A 37 8.05 11.14 2.71
N LEU A 38 9.15 10.37 2.81
CA LEU A 38 9.84 10.09 4.07
C LEU A 38 10.33 11.38 4.67
N PHE A 39 10.85 12.32 3.84
CA PHE A 39 11.27 13.62 4.42
C PHE A 39 10.11 14.33 5.14
N TYR A 40 8.93 14.49 4.50
CA TYR A 40 7.81 15.17 5.08
C TYR A 40 7.24 14.45 6.23
N LEU A 41 7.21 13.12 6.17
CA LEU A 41 6.74 12.29 7.29
C LEU A 41 7.66 12.56 8.49
N GLY A 42 8.98 12.60 8.29
CA GLY A 42 9.94 12.91 9.37
C GLY A 42 9.61 14.25 10.00
N GLN A 43 9.38 15.28 9.13
CA GLN A 43 9.06 16.63 9.59
C GLN A 43 7.78 16.65 10.40
N TYR A 44 6.79 15.89 9.92
CA TYR A 44 5.54 15.81 10.60
C TYR A 44 5.72 15.16 12.03
N ILE A 45 6.46 14.07 12.10
CA ILE A 45 6.70 13.42 13.40
C ILE A 45 7.42 14.35 14.36
N MET A 46 8.39 15.11 13.84
CA MET A 46 9.16 16.08 14.64
C MET A 46 8.32 17.22 15.12
N THR A 47 7.50 17.87 14.26
N THR A 47 7.53 17.86 14.24
CA THR A 47 6.66 19.00 14.68
CA THR A 47 6.65 18.98 14.58
C THR A 47 5.57 18.61 15.67
C THR A 47 5.60 18.60 15.61
N LYS A 48 4.94 17.43 15.46
CA LYS A 48 3.91 16.94 16.37
C LYS A 48 4.48 16.32 17.65
N ARG A 49 5.82 16.19 17.75
N ARG A 49 5.83 16.16 17.70
CA ARG A 49 6.54 15.59 18.89
CA ARG A 49 6.60 15.58 18.80
C ARG A 49 5.98 14.17 19.16
C ARG A 49 6.07 14.19 19.14
N LEU A 50 5.91 13.35 18.10
CA LEU A 50 5.35 12.02 18.24
C LEU A 50 6.38 10.98 18.69
N TYR A 51 7.65 11.28 18.60
CA TYR A 51 8.65 10.29 19.00
C TYR A 51 8.88 10.34 20.52
N ASP A 52 9.37 9.22 21.08
CA ASP A 52 9.67 9.07 22.51
CA ASP A 52 9.68 9.08 22.51
C ASP A 52 10.87 9.96 22.86
N ALA A 53 10.81 10.74 23.99
CA ALA A 53 11.96 11.61 24.30
C ALA A 53 13.23 10.86 24.71
N ALA A 54 13.09 9.68 25.34
CA ALA A 54 14.22 8.86 25.81
C ALA A 54 14.82 7.97 24.70
N GLN A 55 14.00 7.11 24.05
CA GLN A 55 14.48 6.27 22.93
C GLN A 55 13.88 6.91 21.68
N GLN A 56 14.64 7.79 21.05
CA GLN A 56 14.11 8.61 19.97
C GLN A 56 13.79 7.84 18.69
N HIS A 57 13.90 6.50 18.70
CA HIS A 57 13.53 5.71 17.51
C HIS A 57 12.09 5.22 17.64
N ILE A 58 11.45 5.45 18.77
CA ILE A 58 10.07 4.98 18.89
C ILE A 58 9.10 6.11 18.61
N VAL A 59 8.10 5.89 17.75
CA VAL A 59 7.13 6.90 17.38
C VAL A 59 5.76 6.49 17.92
N TYR A 60 5.07 7.41 18.62
CA TYR A 60 3.72 7.24 19.19
C TYR A 60 2.72 7.90 18.30
N CYS A 61 1.81 7.14 17.71
CA CYS A 61 0.82 7.75 16.83
C CYS A 61 -0.63 7.33 17.13
N SER A 62 -0.87 6.62 18.26
CA SER A 62 -2.19 6.10 18.67
C SER A 62 -3.32 7.12 18.65
N ASN A 63 -3.02 8.34 19.08
CA ASN A 63 -4.00 9.42 19.13
C ASN A 63 -3.68 10.51 18.10
N ASP A 64 -3.33 10.11 16.86
CA ASP A 64 -3.00 11.05 15.79
C ASP A 64 -3.46 10.52 14.42
N LEU A 65 -3.57 11.39 13.40
N LEU A 65 -3.52 11.43 13.41
CA LEU A 65 -3.99 10.94 12.06
CA LEU A 65 -3.84 11.23 12.00
C LEU A 65 -2.98 9.97 11.44
C LEU A 65 -2.95 10.11 11.41
N LEU A 66 -1.68 10.10 11.83
CA LEU A 66 -0.62 9.19 11.41
C LEU A 66 -0.96 7.76 11.82
N GLY A 67 -1.46 7.59 13.04
CA GLY A 67 -1.88 6.30 13.55
C GLY A 67 -3.04 5.67 12.80
N ASP A 68 -3.97 6.51 12.30
CA ASP A 68 -5.13 6.10 11.49
C ASP A 68 -4.66 5.74 10.08
N LEU A 69 -3.61 6.38 9.61
CA LEU A 69 -3.05 6.09 8.28
C LEU A 69 -2.28 4.77 8.30
N PHE A 70 -1.45 4.58 9.35
CA PHE A 70 -0.58 3.40 9.47
C PHE A 70 -1.25 2.18 10.13
N GLY A 71 -2.38 2.40 10.80
CA GLY A 71 -3.12 1.35 11.49
C GLY A 71 -2.32 0.68 12.60
N VAL A 72 -1.42 1.44 13.23
CA VAL A 72 -0.56 0.99 14.33
C VAL A 72 -0.57 2.06 15.45
N PRO A 73 -0.52 1.68 16.74
CA PRO A 73 -0.48 2.70 17.79
C PRO A 73 0.93 3.31 17.93
N SER A 74 1.94 2.56 17.50
CA SER A 74 3.34 2.91 17.60
C SER A 74 4.15 2.09 16.62
N PHE A 75 5.36 2.56 16.34
CA PHE A 75 6.30 1.87 15.50
C PHE A 75 7.74 2.34 15.80
N SER A 76 8.69 1.53 15.42
CA SER A 76 10.08 1.86 15.59
C SER A 76 10.56 2.39 14.26
N VAL A 77 11.38 3.44 14.29
CA VAL A 77 11.98 3.99 13.06
C VAL A 77 12.97 2.96 12.48
N LYS A 78 13.49 2.03 13.32
CA LYS A 78 14.44 1.00 12.87
C LYS A 78 13.81 -0.03 11.88
N GLU A 79 12.47 -0.17 11.86
CA GLU A 79 11.73 -1.13 11.00
C GLU A 79 11.47 -0.53 9.63
N HIS A 80 12.52 -0.36 8.82
CA HIS A 80 12.47 0.34 7.53
C HIS A 80 11.45 -0.27 6.57
N ARG A 81 11.47 -1.58 6.39
CA ARG A 81 10.52 -2.26 5.53
C ARG A 81 9.07 -2.09 6.00
N LYS A 82 8.78 -2.21 7.31
CA LYS A 82 7.43 -1.99 7.83
C LYS A 82 7.02 -0.58 7.46
N ILE A 83 7.91 0.44 7.63
CA ILE A 83 7.56 1.84 7.32
C ILE A 83 7.24 1.99 5.85
N TYR A 84 8.09 1.45 4.96
CA TYR A 84 7.82 1.48 3.52
C TYR A 84 6.48 0.86 3.15
N THR A 85 6.15 -0.29 3.76
CA THR A 85 4.88 -0.97 3.55
C THR A 85 3.71 -0.11 3.98
N MET A 86 3.85 0.58 5.11
CA MET A 86 2.76 1.43 5.62
C MET A 86 2.48 2.61 4.68
N ILE A 87 3.54 3.16 4.02
CA ILE A 87 3.47 4.22 3.01
C ILE A 87 2.81 3.60 1.74
N TYR A 88 3.32 2.45 1.24
CA TYR A 88 2.72 1.81 0.05
C TYR A 88 1.23 1.52 0.22
N ARG A 89 0.80 1.22 1.44
CA ARG A 89 -0.64 0.97 1.73
C ARG A 89 -1.49 2.22 1.63
N ASN A 90 -0.84 3.42 1.53
CA ASN A 90 -1.57 4.67 1.49
C ASN A 90 -1.33 5.48 0.25
N LEU A 91 -1.07 4.80 -0.86
CA LEU A 91 -0.95 5.40 -2.17
C LEU A 91 -2.25 5.23 -2.92
N VAL A 92 -2.35 5.95 -4.06
CA VAL A 92 -3.41 5.92 -5.08
C VAL A 92 -2.78 5.83 -6.48
N SER B 1 10.40 -11.54 -8.12
CA SER B 1 9.15 -10.79 -8.12
C SER B 1 9.40 -9.28 -7.96
N GLN B 2 8.37 -8.44 -8.24
CA GLN B 2 8.42 -6.96 -8.21
C GLN B 2 8.03 -6.37 -6.86
N ILE B 3 7.38 -7.16 -5.99
CA ILE B 3 6.91 -6.73 -4.69
C ILE B 3 7.68 -7.38 -3.54
N PRO B 4 8.13 -6.60 -2.52
CA PRO B 4 8.74 -7.21 -1.33
C PRO B 4 7.89 -8.34 -0.76
N ALA B 5 8.54 -9.48 -0.49
CA ALA B 5 7.90 -10.68 0.07
C ALA B 5 7.04 -10.40 1.31
N SER B 6 7.49 -9.49 2.20
CA SER B 6 6.79 -9.14 3.43
C SER B 6 5.39 -8.55 3.16
N GLU B 7 5.19 -7.89 1.99
CA GLU B 7 3.89 -7.28 1.66
C GLU B 7 2.86 -8.30 1.32
N GLN B 8 3.29 -9.39 0.67
CA GLN B 8 2.38 -10.45 0.23
C GLN B 8 1.84 -11.29 1.41
N GLU B 9 2.53 -11.29 2.56
CA GLU B 9 2.07 -12.12 3.69
C GLU B 9 1.27 -11.36 4.76
N THR B 10 1.17 -10.03 4.64
CA THR B 10 0.43 -9.22 5.61
C THR B 10 -1.05 -9.58 5.65
N LEU B 11 -1.65 -9.57 6.85
CA LEU B 11 -3.07 -9.84 7.03
C LEU B 11 -3.81 -8.54 6.77
N VAL B 12 -4.83 -8.56 5.90
CA VAL B 12 -5.56 -7.36 5.49
C VAL B 12 -7.04 -7.55 5.66
N ARG B 13 -7.78 -6.44 5.78
CA ARG B 13 -9.22 -6.51 5.95
C ARG B 13 -9.91 -5.75 4.80
N PRO B 14 -10.47 -6.45 3.81
CA PRO B 14 -11.13 -5.74 2.70
C PRO B 14 -12.28 -4.87 3.17
N LYS B 15 -12.47 -3.75 2.46
CA LYS B 15 -13.59 -2.86 2.63
C LYS B 15 -14.81 -3.59 1.99
N PRO B 16 -16.05 -3.19 2.32
CA PRO B 16 -17.22 -3.93 1.81
C PRO B 16 -17.30 -4.26 0.31
N LEU B 17 -16.94 -3.35 -0.62
CA LEU B 17 -17.06 -3.63 -2.06
C LEU B 17 -16.09 -4.74 -2.53
N LEU B 18 -14.86 -4.73 -2.03
CA LEU B 18 -13.91 -5.80 -2.34
C LEU B 18 -14.44 -7.08 -1.67
N LEU B 19 -14.94 -6.98 -0.45
CA LEU B 19 -15.41 -8.19 0.22
C LEU B 19 -16.54 -8.85 -0.60
N LYS B 20 -17.44 -8.05 -1.17
CA LYS B 20 -18.56 -8.51 -1.99
C LYS B 20 -18.01 -9.26 -3.21
N LEU B 21 -16.95 -8.74 -3.84
CA LEU B 21 -16.33 -9.40 -4.96
C LEU B 21 -15.72 -10.76 -4.55
N LEU B 22 -14.99 -10.77 -3.43
CA LEU B 22 -14.29 -11.99 -2.96
C LEU B 22 -15.32 -13.09 -2.60
N LYS B 23 -16.42 -12.71 -1.92
CA LYS B 23 -17.48 -13.66 -1.59
C LYS B 23 -18.12 -14.27 -2.86
N SER B 24 -18.20 -13.49 -3.95
CA SER B 24 -18.77 -13.97 -5.22
C SER B 24 -17.95 -15.11 -5.86
N VAL B 25 -16.67 -15.30 -5.46
CA VAL B 25 -15.79 -16.40 -5.90
C VAL B 25 -15.44 -17.31 -4.72
N GLY B 26 -16.32 -17.29 -3.74
CA GLY B 26 -16.26 -18.23 -2.64
C GLY B 26 -15.54 -17.91 -1.37
N ALA B 27 -14.88 -16.75 -1.25
CA ALA B 27 -14.19 -16.40 0.01
C ALA B 27 -15.24 -16.20 1.12
N GLN B 28 -14.97 -16.63 2.37
N GLN B 28 -14.96 -16.71 2.34
CA GLN B 28 -16.00 -16.55 3.42
CA GLN B 28 -15.92 -16.63 3.43
C GLN B 28 -15.54 -15.82 4.70
C GLN B 28 -15.25 -16.24 4.76
N LYS B 29 -14.33 -15.27 4.67
CA LYS B 29 -13.66 -14.64 5.81
C LYS B 29 -13.79 -13.13 5.74
N ASP B 30 -13.39 -12.42 6.81
CA ASP B 30 -13.32 -10.94 6.85
C ASP B 30 -11.84 -10.46 6.78
N THR B 31 -10.89 -11.33 7.12
CA THR B 31 -9.45 -11.04 7.14
C THR B 31 -8.75 -12.10 6.28
N TYR B 32 -7.77 -11.65 5.49
CA TYR B 32 -7.06 -12.52 4.57
C TYR B 32 -5.61 -12.14 4.49
N THR B 33 -4.78 -13.03 3.98
CA THR B 33 -3.42 -12.63 3.67
C THR B 33 -3.56 -11.88 2.31
N MET B 34 -2.57 -11.06 1.94
CA MET B 34 -2.58 -10.40 0.64
C MET B 34 -2.55 -11.46 -0.50
N LYS B 35 -1.84 -12.61 -0.29
N LYS B 35 -1.83 -12.61 -0.29
CA LYS B 35 -1.78 -13.71 -1.27
CA LYS B 35 -1.78 -13.71 -1.26
C LYS B 35 -3.19 -14.25 -1.53
C LYS B 35 -3.19 -14.25 -1.53
N GLU B 36 -4.01 -14.40 -0.48
CA GLU B 36 -5.40 -14.92 -0.61
C GLU B 36 -6.30 -13.91 -1.37
N VAL B 37 -6.23 -12.59 -1.04
CA VAL B 37 -6.99 -11.58 -1.78
C VAL B 37 -6.60 -11.71 -3.27
N LEU B 38 -5.28 -11.82 -3.59
CA LEU B 38 -4.91 -11.97 -5.00
C LEU B 38 -5.46 -13.24 -5.63
N PHE B 39 -5.48 -14.36 -4.87
CA PHE B 39 -6.02 -15.61 -5.38
C PHE B 39 -7.48 -15.42 -5.77
N TYR B 40 -8.29 -14.86 -4.91
CA TYR B 40 -9.69 -14.68 -5.23
C TYR B 40 -9.90 -13.67 -6.34
N LEU B 41 -9.09 -12.60 -6.37
N LEU B 41 -9.11 -12.59 -6.38
CA LEU B 41 -9.17 -11.63 -7.45
CA LEU B 41 -9.21 -11.63 -7.48
C LEU B 41 -8.91 -12.33 -8.81
C LEU B 41 -8.90 -12.32 -8.83
N GLY B 42 -7.85 -13.16 -8.88
CA GLY B 42 -7.52 -13.91 -10.10
C GLY B 42 -8.69 -14.84 -10.49
N GLN B 43 -9.30 -15.49 -9.52
CA GLN B 43 -10.45 -16.36 -9.81
C GLN B 43 -11.65 -15.60 -10.37
N TYR B 44 -11.87 -14.40 -9.82
CA TYR B 44 -12.90 -13.52 -10.25
C TYR B 44 -12.68 -13.14 -11.73
N ILE B 45 -11.46 -12.71 -12.10
CA ILE B 45 -11.14 -12.34 -13.47
C ILE B 45 -11.31 -13.52 -14.42
N MET B 46 -10.95 -14.70 -13.99
CA MET B 46 -11.08 -15.90 -14.84
C MET B 46 -12.53 -16.32 -15.06
N THR B 47 -13.35 -16.31 -13.99
N THR B 47 -13.34 -16.29 -14.01
CA THR B 47 -14.75 -16.73 -14.10
CA THR B 47 -14.73 -16.73 -14.11
C THR B 47 -15.60 -15.71 -14.89
C THR B 47 -15.58 -15.71 -14.90
N LYS B 48 -15.22 -14.42 -14.85
CA LYS B 48 -15.93 -13.38 -15.60
C LYS B 48 -15.28 -13.22 -16.99
N ARG B 49 -14.12 -13.89 -17.20
CA ARG B 49 -13.29 -13.87 -18.39
C ARG B 49 -13.05 -12.41 -18.82
N LEU B 50 -12.53 -11.61 -17.88
CA LEU B 50 -12.27 -10.19 -18.04
C LEU B 50 -10.98 -9.90 -18.75
N TYR B 51 -10.10 -10.88 -18.83
CA TYR B 51 -8.85 -10.69 -19.56
C TYR B 51 -9.08 -10.75 -21.06
N ASP B 52 -8.18 -10.16 -21.84
CA ASP B 52 -8.26 -10.15 -23.29
C ASP B 52 -7.86 -11.58 -23.75
N ALA B 53 -8.71 -12.26 -24.54
CA ALA B 53 -8.38 -13.63 -24.97
C ALA B 53 -7.07 -13.72 -25.78
N ALA B 54 -6.69 -12.64 -26.48
CA ALA B 54 -5.48 -12.56 -27.30
C ALA B 54 -4.20 -12.17 -26.55
N GLN B 55 -4.29 -11.22 -25.59
CA GLN B 55 -3.16 -10.73 -24.77
C GLN B 55 -3.69 -10.86 -23.37
N GLN B 56 -3.52 -12.07 -22.83
CA GLN B 56 -4.13 -12.41 -21.57
C GLN B 56 -3.54 -11.67 -20.36
N HIS B 57 -2.51 -10.79 -20.52
CA HIS B 57 -2.05 -9.95 -19.39
C HIS B 57 -2.91 -8.69 -19.24
N ILE B 58 -3.77 -8.39 -20.22
CA ILE B 58 -4.65 -7.22 -20.19
C ILE B 58 -5.98 -7.58 -19.64
N VAL B 59 -6.43 -6.81 -18.63
CA VAL B 59 -7.74 -7.03 -18.04
C VAL B 59 -8.61 -5.80 -18.33
N TYR B 60 -9.81 -6.04 -18.85
CA TYR B 60 -10.76 -4.98 -19.15
C TYR B 60 -11.78 -5.04 -18.05
N CYS B 61 -11.91 -3.97 -17.27
CA CYS B 61 -12.88 -3.98 -16.19
C CYS B 61 -13.93 -2.88 -16.26
N SER B 62 -13.98 -2.12 -17.37
CA SER B 62 -14.99 -1.05 -17.55
C SER B 62 -16.41 -1.61 -17.33
N ASN B 63 -17.19 -0.93 -16.47
CA ASN B 63 -18.57 -1.31 -16.12
C ASN B 63 -18.72 -2.64 -15.35
N ASP B 64 -17.60 -3.22 -14.88
CA ASP B 64 -17.70 -4.42 -14.07
C ASP B 64 -17.49 -3.96 -12.63
N LEU B 65 -17.88 -4.80 -11.63
CA LEU B 65 -17.64 -4.52 -10.21
C LEU B 65 -16.16 -4.20 -10.01
N LEU B 66 -15.28 -4.82 -10.81
CA LEU B 66 -13.83 -4.65 -10.77
C LEU B 66 -13.42 -3.23 -11.11
N GLY B 67 -14.10 -2.64 -12.10
CA GLY B 67 -13.93 -1.25 -12.48
C GLY B 67 -14.26 -0.31 -11.33
N ASP B 68 -15.29 -0.62 -10.53
CA ASP B 68 -15.67 0.15 -9.34
C ASP B 68 -14.52 0.12 -8.32
N LEU B 69 -13.87 -1.04 -8.10
CA LEU B 69 -12.78 -1.14 -7.13
C LEU B 69 -11.51 -0.47 -7.58
N PHE B 70 -11.22 -0.53 -8.87
CA PHE B 70 -9.96 -0.03 -9.38
C PHE B 70 -9.99 1.35 -10.01
N GLY B 71 -11.17 1.79 -10.47
CA GLY B 71 -11.36 3.09 -11.08
C GLY B 71 -10.56 3.27 -12.36
N VAL B 72 -10.30 2.16 -13.08
CA VAL B 72 -9.54 2.17 -14.33
C VAL B 72 -10.33 1.37 -15.39
N PRO B 73 -10.33 1.77 -16.68
CA PRO B 73 -11.04 0.98 -17.70
C PRO B 73 -10.35 -0.37 -17.98
N SER B 74 -9.02 -0.42 -17.78
CA SER B 74 -8.18 -1.61 -18.01
C SER B 74 -6.87 -1.49 -17.25
N PHE B 75 -6.18 -2.64 -17.07
CA PHE B 75 -4.88 -2.68 -16.44
C PHE B 75 -4.09 -3.83 -16.98
N SER B 76 -2.79 -3.76 -16.79
CA SER B 76 -1.93 -4.87 -17.15
C SER B 76 -1.53 -5.68 -15.90
N VAL B 77 -1.59 -7.02 -16.02
CA VAL B 77 -1.21 -7.94 -14.91
C VAL B 77 0.30 -7.84 -14.64
N LYS B 78 1.05 -7.37 -15.63
CA LYS B 78 2.50 -7.22 -15.46
C LYS B 78 2.94 -6.07 -14.51
N GLU B 79 2.02 -5.15 -14.21
CA GLU B 79 2.28 -3.96 -13.38
C GLU B 79 1.90 -4.27 -11.95
N HIS B 80 2.77 -5.03 -11.23
CA HIS B 80 2.41 -5.54 -9.88
C HIS B 80 2.11 -4.46 -8.87
N ARG B 81 2.98 -3.43 -8.79
CA ARG B 81 2.81 -2.33 -7.82
C ARG B 81 1.47 -1.64 -8.08
N LYS B 82 1.12 -1.35 -9.36
CA LYS B 82 -0.17 -0.71 -9.69
C LYS B 82 -1.33 -1.54 -9.13
N ILE B 83 -1.26 -2.89 -9.23
CA ILE B 83 -2.35 -3.77 -8.76
C ILE B 83 -2.41 -3.74 -7.26
N TYR B 84 -1.24 -3.86 -6.60
CA TYR B 84 -1.15 -3.79 -5.14
C TYR B 84 -1.76 -2.47 -4.70
N THR B 85 -1.38 -1.35 -5.34
CA THR B 85 -1.92 -0.03 -4.96
C THR B 85 -3.45 0.02 -5.09
N MET B 86 -3.95 -0.48 -6.24
CA MET B 86 -5.43 -0.45 -6.47
C MET B 86 -6.10 -1.33 -5.45
N ILE B 87 -5.46 -2.39 -5.01
CA ILE B 87 -6.03 -3.24 -3.95
C ILE B 87 -5.98 -2.56 -2.57
N TYR B 88 -4.86 -1.89 -2.25
CA TYR B 88 -4.69 -1.25 -0.96
C TYR B 88 -5.75 -0.20 -0.69
N ARG B 89 -6.20 0.49 -1.76
CA ARG B 89 -7.26 1.51 -1.73
C ARG B 89 -8.57 0.89 -1.22
N ASN B 90 -8.70 -0.46 -1.29
CA ASN B 90 -9.92 -1.20 -0.91
C ASN B 90 -9.76 -2.03 0.36
N LEU B 91 -8.76 -1.69 1.16
CA LEU B 91 -8.49 -2.29 2.44
C LEU B 91 -8.57 -1.26 3.53
N VAL B 92 -9.08 -1.70 4.68
CA VAL B 92 -9.19 -0.87 5.88
C VAL B 92 -7.77 -0.70 6.48
N LEU C 2 20.58 7.59 19.50
CA LEU C 2 20.68 8.71 18.55
C LEU C 2 19.49 9.67 18.65
N THR C 3 19.60 10.84 18.00
CA THR C 3 18.44 11.74 17.89
C THR C 3 17.45 11.13 16.85
N PHE C 4 16.14 11.48 16.96
CA PHE C 4 15.11 11.04 16.01
C PHE C 4 15.58 11.34 14.59
N GLY C 5 16.12 12.54 14.36
CA GLY C 5 16.63 12.90 13.05
C GLY C 5 17.64 11.93 12.47
N GLU C 6 18.62 11.47 13.32
CA GLU C 6 19.68 10.53 12.92
C GLU C 6 19.06 9.18 12.55
N TYR C 7 18.12 8.67 13.36
CA TYR C 7 17.44 7.41 13.02
C TYR C 7 16.66 7.60 11.75
N TRP C 8 15.90 8.69 11.66
CA TRP C 8 15.05 8.91 10.49
C TRP C 8 15.87 9.04 9.21
N ALA C 9 17.03 9.72 9.28
CA ALA C 9 17.90 9.90 8.13
C ALA C 9 18.40 8.55 7.57
N GLN C 10 18.59 7.54 8.47
CA GLN C 10 19.00 6.17 8.08
C GLN C 10 17.92 5.53 7.21
N LEU C 11 16.64 5.77 7.57
CA LEU C 11 15.46 5.30 6.89
C LEU C 11 15.29 5.96 5.52
N ALA C 12 15.53 7.27 5.40
CA ALA C 12 15.40 7.97 4.10
C ALA C 12 16.53 7.67 3.13
N SER C 13 17.73 7.40 3.64
CA SER C 13 18.90 7.03 2.86
C SER C 13 19.40 5.68 3.39
N LEU D 2 1.40 -15.74 -22.59
CA LEU D 2 1.03 -16.77 -21.62
C LEU D 2 -0.46 -16.78 -21.39
N THR D 3 -0.97 -17.72 -20.60
CA THR D 3 -2.38 -17.63 -20.29
C THR D 3 -2.46 -16.63 -19.11
N PHE D 4 -3.66 -16.16 -18.87
CA PHE D 4 -3.92 -15.28 -17.74
C PHE D 4 -3.45 -15.88 -16.42
N GLY D 5 -3.79 -17.15 -16.18
CA GLY D 5 -3.40 -17.83 -14.94
C GLY D 5 -1.90 -17.77 -14.71
N GLU D 6 -1.11 -17.91 -15.79
CA GLU D 6 0.33 -17.79 -15.70
C GLU D 6 0.80 -16.37 -15.34
N TYR D 7 0.26 -15.31 -15.99
CA TYR D 7 0.59 -13.94 -15.60
C TYR D 7 0.13 -13.69 -14.13
N TRP D 8 -1.06 -14.17 -13.79
CA TRP D 8 -1.58 -13.90 -12.47
C TRP D 8 -0.77 -14.59 -11.38
N ALA D 9 -0.31 -15.82 -11.63
CA ALA D 9 0.54 -16.61 -10.72
C ALA D 9 1.84 -15.85 -10.43
N GLN D 10 2.41 -15.16 -11.44
CA GLN D 10 3.61 -14.32 -11.27
C GLN D 10 3.35 -13.18 -10.29
N LEU D 11 2.17 -12.58 -10.38
CA LEU D 11 1.77 -11.50 -9.49
C LEU D 11 1.63 -12.01 -8.04
N ALA D 12 1.22 -13.26 -7.89
CA ALA D 12 0.99 -13.84 -6.58
C ALA D 12 2.24 -14.30 -5.87
N SER D 13 3.23 -14.79 -6.60
CA SER D 13 4.47 -15.27 -6.04
C SER D 13 5.45 -14.11 -5.76
#